data_5C4G
#
_entry.id   5C4G
#
_cell.length_a   48.820
_cell.length_b   105.400
_cell.length_c   188.850
_cell.angle_alpha   90.00
_cell.angle_beta   90.00
_cell.angle_gamma   90.00
#
_symmetry.space_group_name_H-M   'P 21 21 21'
#
loop_
_entity.id
_entity.type
_entity.pdbx_description
1 polymer 'Ras-related protein Rab-11A'
2 polymer 'Phosphatidylinositol 4-kinase beta'
3 non-polymer 'MAGNESIUM ION'
4 non-polymer "GUANOSINE-5'-DIPHOSPHATE"
5 non-polymer 'SULFATE ION'
6 non-polymer N~2~-[7-(3,4-dimethoxyphenyl)quinoxalin-2-yl]-N-methylglycinamide
#
loop_
_entity_poly.entity_id
_entity_poly.type
_entity_poly.pdbx_seq_one_letter_code
_entity_poly.pdbx_strand_id
1 'polypeptide(L)'
;GSHMGTRDDEYDYLFKVVLIGDSGVGKSNLLSRFTRNEFNLESKSTIGVEFATRSIQVDGKTIKAQIWDTAGLERYRAIT
SAYYRGAVGALLVYDIAKHLTYENVERWLKELRDHADSNIVIMLVGNKSDLRHLRAVPTDEARAFAEKNGLSFIETSALD
STNVEAAFQTILTEIYRIVSQKQMSDRRENDMSPSNNVVPIHVPPTTENKPKVQCCQNI
;
B
2 'polypeptide(L)'
;GSHMQNNSAKQSWLLRLFESKLFDISMAISYLYNSKEPGVQAYIGNRLFCFRNEDVDFYLPQLLNMYIHMDEDVGDAIKP
YIVHRCRQSINFSLQCALLLGAYSSDMHISTQRHSRGTKLRKLILSDELKPANLKRTAANPKVENEDEPVRLAPEREFIK
SLMAIGKRLATLPTKEQKTQRLISELSLLNHKLPARVWLPTAGFDHHVVRVPHTQAVVLNSKDKAPYLIYVEVLECENFD
TTSVPARIPENRRDPEDPSAVALKEPWQEKVRRIREGSPYGHLPNWRLLSVIVKCGDDLRQELLAFQVLKQLQSIWEQER
VPLWIKPYKILVISADSGMIEPVVNAVSIHQVKKQSQLSLLDYFLQEHGSYTTEAFLSAQRNFVQSCAGYCLVCYLLQVK
DRHNGNILLDAEGHIIHIDFGFILSSSPRNLGFETSAFKLTTEFVDVMGGLDGDMFNYYKMLMLQGLIAARKHMDKVVQI
VEIMQQGSQLPCFHGSSTIRNLKERFHMSMTEEQLQLLVEQMVDGSMRS
;
E
#
# COMPACT_ATOMS: atom_id res chain seq x y z
N GLU A 10 58.14 15.00 -5.63
CA GLU A 10 57.64 16.37 -5.67
C GLU A 10 56.38 16.48 -6.53
N TYR A 11 55.57 17.51 -6.25
CA TYR A 11 54.43 17.84 -7.10
C TYR A 11 54.64 19.23 -7.71
N ASP A 12 54.21 19.40 -8.95
CA ASP A 12 54.45 20.64 -9.68
C ASP A 12 53.77 21.85 -9.03
N TYR A 13 52.45 21.86 -9.04
CA TYR A 13 51.70 23.01 -8.55
C TYR A 13 50.62 22.60 -7.54
N LEU A 14 50.08 23.60 -6.83
CA LEU A 14 49.08 23.35 -5.80
C LEU A 14 47.88 24.27 -5.99
N PHE A 15 46.86 23.78 -6.69
CA PHE A 15 45.66 24.56 -6.94
C PHE A 15 44.78 24.61 -5.69
N LYS A 16 43.90 25.61 -5.63
CA LYS A 16 42.97 25.73 -4.51
C LYS A 16 41.55 25.97 -5.01
N VAL A 17 40.81 24.89 -5.22
CA VAL A 17 39.42 24.97 -5.64
C VAL A 17 38.50 24.99 -4.43
N VAL A 18 37.32 25.60 -4.59
CA VAL A 18 36.38 25.72 -3.49
C VAL A 18 35.03 25.09 -3.80
N LEU A 19 34.39 24.53 -2.78
CA LEU A 19 33.07 23.93 -2.93
C LEU A 19 32.03 24.72 -2.13
N ILE A 20 31.13 25.39 -2.85
CA ILE A 20 30.09 26.17 -2.21
C ILE A 20 28.70 25.70 -2.63
N GLY A 21 27.68 26.33 -2.04
CA GLY A 21 26.30 25.96 -2.34
C GLY A 21 25.50 25.69 -1.08
N ASP A 22 24.19 25.59 -1.25
CA ASP A 22 23.29 25.32 -0.13
C ASP A 22 23.63 23.99 0.53
N SER A 23 23.60 23.96 1.86
CA SER A 23 23.93 22.76 2.61
C SER A 23 22.93 21.63 2.37
N GLY A 24 23.42 20.49 1.92
CA GLY A 24 22.58 19.34 1.66
C GLY A 24 22.71 18.83 0.24
N VAL A 25 23.50 19.54 -0.57
CA VAL A 25 23.68 19.17 -1.97
C VAL A 25 24.67 18.01 -2.13
N GLY A 26 25.53 17.84 -1.14
CA GLY A 26 26.46 16.73 -1.15
C GLY A 26 27.87 17.12 -1.53
N LYS A 27 28.22 18.40 -1.34
CA LYS A 27 29.56 18.88 -1.64
C LYS A 27 30.56 18.28 -0.66
N SER A 28 30.08 17.87 0.51
CA SER A 28 30.92 17.19 1.49
C SER A 28 31.16 15.75 1.08
N ASN A 29 30.19 15.17 0.38
CA ASN A 29 30.33 13.82 -0.14
C ASN A 29 31.19 13.78 -1.40
N LEU A 30 31.05 14.81 -2.23
CA LEU A 30 31.89 14.94 -3.42
C LEU A 30 33.36 15.01 -3.02
N LEU A 31 33.63 15.64 -1.88
CA LEU A 31 34.98 15.78 -1.37
C LEU A 31 35.57 14.42 -0.95
N SER A 32 34.71 13.55 -0.42
CA SER A 32 35.15 12.25 0.04
C SER A 32 35.29 11.26 -1.12
N ARG A 33 34.37 11.36 -2.08
CA ARG A 33 34.36 10.44 -3.22
C ARG A 33 35.53 10.67 -4.15
N PHE A 34 35.84 11.94 -4.42
CA PHE A 34 36.94 12.28 -5.32
C PHE A 34 38.30 11.99 -4.72
N THR A 35 38.45 12.25 -3.43
CA THR A 35 39.73 12.08 -2.75
C THR A 35 39.88 10.68 -2.17
N ARG A 36 39.15 10.41 -1.09
CA ARG A 36 39.28 9.13 -0.39
C ARG A 36 38.41 8.03 -0.98
N ASN A 37 37.55 8.40 -1.93
CA ASN A 37 36.67 7.45 -2.61
C ASN A 37 35.73 6.73 -1.64
N GLU A 38 34.90 7.51 -0.96
CA GLU A 38 33.93 6.96 -0.02
C GLU A 38 32.69 7.85 0.07
N PHE A 39 31.53 7.23 0.30
CA PHE A 39 30.26 7.97 0.38
C PHE A 39 29.33 7.36 1.42
N ASN A 40 28.78 8.20 2.29
CA ASN A 40 27.85 7.75 3.30
C ASN A 40 26.54 8.54 3.28
N LEU A 41 25.42 7.82 3.34
CA LEU A 41 24.11 8.44 3.29
C LEU A 41 23.85 9.31 4.51
N GLU A 42 24.31 8.85 5.67
CA GLU A 42 24.20 9.63 6.88
C GLU A 42 25.10 10.86 6.80
N SER A 43 24.64 11.98 7.32
CA SER A 43 25.37 13.25 7.20
C SER A 43 25.87 13.79 8.55
N LYS A 44 26.88 14.66 8.48
CA LYS A 44 27.44 15.31 9.65
C LYS A 44 28.06 16.65 9.27
N SER A 45 28.53 17.39 10.26
CA SER A 45 29.21 18.67 9.99
C SER A 45 30.09 19.11 11.16
N VAL A 49 34.28 24.16 8.67
CA VAL A 49 35.10 24.22 7.46
C VAL A 49 36.09 23.07 7.41
N GLU A 50 36.32 22.54 6.22
CA GLU A 50 37.23 21.41 6.04
C GLU A 50 37.72 21.33 4.60
N PHE A 51 38.94 20.82 4.41
CA PHE A 51 39.49 20.65 3.07
C PHE A 51 40.28 19.35 2.98
N ALA A 52 40.28 18.75 1.80
CA ALA A 52 41.03 17.52 1.55
C ALA A 52 41.76 17.62 0.21
N THR A 53 42.90 16.97 0.11
CA THR A 53 43.73 17.07 -1.09
C THR A 53 44.08 15.73 -1.71
N ARG A 54 44.17 15.72 -3.04
CA ARG A 54 44.62 14.55 -3.79
C ARG A 54 45.30 15.01 -5.07
N SER A 55 46.53 14.56 -5.29
CA SER A 55 47.30 14.98 -6.45
C SER A 55 47.01 14.13 -7.68
N ILE A 56 46.76 14.78 -8.81
CA ILE A 56 46.52 14.08 -10.07
C ILE A 56 47.51 14.55 -11.14
N GLN A 57 47.64 13.76 -12.21
CA GLN A 57 48.54 14.11 -13.30
C GLN A 57 47.78 14.80 -14.44
N VAL A 58 48.21 16.02 -14.77
CA VAL A 58 47.56 16.80 -15.81
C VAL A 58 48.59 17.39 -16.78
N ASP A 59 48.58 16.90 -18.02
CA ASP A 59 49.49 17.37 -19.06
C ASP A 59 50.94 17.12 -18.68
N GLY A 60 51.24 15.92 -18.18
CA GLY A 60 52.57 15.56 -17.77
C GLY A 60 53.01 16.30 -16.52
N LYS A 61 52.04 16.81 -15.77
CA LYS A 61 52.32 17.57 -14.56
C LYS A 61 51.63 16.97 -13.33
N THR A 62 52.24 17.14 -12.17
CA THR A 62 51.66 16.66 -10.90
C THR A 62 51.03 17.81 -10.13
N ILE A 63 49.70 17.76 -10.00
CA ILE A 63 48.97 18.84 -9.33
C ILE A 63 48.26 18.37 -8.07
N LYS A 64 48.65 18.94 -6.94
CA LYS A 64 48.00 18.65 -5.66
C LYS A 64 46.77 19.54 -5.48
N ALA A 65 45.61 19.00 -5.85
CA ALA A 65 44.35 19.73 -5.76
C ALA A 65 43.93 19.90 -4.30
N GLN A 66 43.74 21.16 -3.89
CA GLN A 66 43.36 21.46 -2.51
C GLN A 66 41.90 21.87 -2.45
N ILE A 67 41.01 20.88 -2.36
CA ILE A 67 39.57 21.13 -2.36
C ILE A 67 39.11 21.60 -0.98
N TRP A 68 38.48 22.77 -0.96
CA TRP A 68 37.95 23.34 0.28
C TRP A 68 36.44 23.08 0.39
N ASP A 69 35.95 23.05 1.63
CA ASP A 69 34.54 22.79 1.88
C ASP A 69 34.08 23.54 3.14
N THR A 70 32.90 24.15 3.05
CA THR A 70 32.35 24.91 4.17
C THR A 70 31.05 24.29 4.68
N ALA A 71 30.58 24.80 5.82
CA ALA A 71 29.33 24.32 6.41
C ALA A 71 28.36 25.45 6.68
N THR A 80 34.84 33.55 4.80
CA THR A 80 34.31 34.30 3.66
C THR A 80 35.43 34.70 2.69
N SER A 81 36.05 35.86 2.91
CA SER A 81 37.14 36.31 2.06
C SER A 81 38.36 35.42 2.26
N ALA A 82 38.49 34.92 3.49
CA ALA A 82 39.55 33.98 3.84
C ALA A 82 39.29 32.63 3.17
N TYR A 83 38.03 32.36 2.90
CA TYR A 83 37.64 31.14 2.19
C TYR A 83 38.03 31.24 0.73
N TYR A 84 38.03 32.46 0.20
CA TYR A 84 38.31 32.69 -1.21
C TYR A 84 39.74 33.13 -1.46
N ARG A 85 40.50 33.37 -0.40
CA ARG A 85 41.89 33.78 -0.53
C ARG A 85 42.71 32.66 -1.17
N GLY A 86 43.32 32.96 -2.31
CA GLY A 86 44.12 31.97 -3.02
C GLY A 86 43.28 30.98 -3.80
N ALA A 87 41.98 31.26 -3.87
CA ALA A 87 41.05 30.39 -4.59
C ALA A 87 41.36 30.41 -6.09
N VAL A 88 41.67 29.24 -6.64
CA VAL A 88 42.02 29.12 -8.05
C VAL A 88 40.81 28.71 -8.89
N GLY A 89 40.06 27.74 -8.38
CA GLY A 89 38.88 27.25 -9.08
C GLY A 89 37.64 27.29 -8.21
N ALA A 90 36.48 27.40 -8.84
CA ALA A 90 35.21 27.45 -8.13
C ALA A 90 34.27 26.35 -8.58
N LEU A 91 33.65 25.67 -7.62
CA LEU A 91 32.70 24.62 -7.91
C LEU A 91 31.34 24.90 -7.28
N LEU A 92 30.40 25.38 -8.09
CA LEU A 92 29.04 25.61 -7.65
C LEU A 92 28.24 24.31 -7.75
N VAL A 93 27.99 23.68 -6.61
CA VAL A 93 27.27 22.41 -6.58
C VAL A 93 25.82 22.59 -6.17
N TYR A 94 24.90 22.36 -7.10
CA TYR A 94 23.48 22.46 -6.82
C TYR A 94 22.81 21.10 -6.90
N ASP A 95 21.68 20.95 -6.21
CA ASP A 95 20.94 19.70 -6.21
C ASP A 95 19.88 19.68 -7.32
N ILE A 96 19.79 18.56 -8.02
CA ILE A 96 18.82 18.44 -9.10
C ILE A 96 17.47 17.95 -8.57
N ALA A 97 17.43 17.61 -7.27
CA ALA A 97 16.20 17.16 -6.64
C ALA A 97 15.54 18.29 -5.88
N LYS A 98 16.23 19.42 -5.77
CA LYS A 98 15.71 20.60 -5.09
C LYS A 98 15.93 21.85 -5.95
N HIS A 99 14.85 22.34 -6.56
CA HIS A 99 14.94 23.45 -7.49
C HIS A 99 15.40 24.74 -6.81
N LEU A 100 15.17 24.84 -5.50
CA LEU A 100 15.57 26.02 -4.74
C LEU A 100 17.09 26.17 -4.73
N THR A 101 17.79 25.05 -4.78
CA THR A 101 19.25 25.05 -4.82
C THR A 101 19.76 25.64 -6.13
N TYR A 102 18.99 25.46 -7.19
CA TYR A 102 19.33 25.99 -8.50
C TYR A 102 18.97 27.48 -8.59
N GLU A 103 17.99 27.88 -7.80
CA GLU A 103 17.56 29.27 -7.77
C GLU A 103 18.58 30.15 -7.05
N ASN A 104 19.27 29.57 -6.07
CA ASN A 104 20.22 30.33 -5.26
C ASN A 104 21.59 30.45 -5.92
N VAL A 105 21.71 29.96 -7.15
CA VAL A 105 22.97 30.05 -7.89
C VAL A 105 23.35 31.50 -8.13
N GLU A 106 22.34 32.33 -8.38
CA GLU A 106 22.56 33.76 -8.60
C GLU A 106 23.04 34.44 -7.33
N ARG A 107 22.58 33.95 -6.18
CA ARG A 107 22.99 34.48 -4.89
C ARG A 107 24.42 34.07 -4.56
N TRP A 108 24.76 32.83 -4.91
CA TRP A 108 26.12 32.34 -4.70
C TRP A 108 27.09 33.00 -5.67
N LEU A 109 26.58 33.40 -6.84
CA LEU A 109 27.39 34.14 -7.81
C LEU A 109 27.79 35.48 -7.23
N LYS A 110 26.84 36.16 -6.60
CA LYS A 110 27.12 37.40 -5.90
C LYS A 110 28.09 37.15 -4.74
N GLU A 111 28.02 35.97 -4.17
CA GLU A 111 28.93 35.58 -3.10
C GLU A 111 30.35 35.46 -3.64
N LEU A 112 30.46 35.08 -4.92
CA LEU A 112 31.75 34.92 -5.57
C LEU A 112 32.29 36.24 -6.12
N ARG A 113 31.38 37.04 -6.68
CA ARG A 113 31.74 38.33 -7.29
C ARG A 113 32.36 39.29 -6.29
N ASP A 114 32.00 39.13 -5.02
CA ASP A 114 32.39 40.09 -3.99
C ASP A 114 33.66 39.74 -3.24
N HIS A 115 33.94 38.45 -3.05
CA HIS A 115 35.08 38.05 -2.24
C HIS A 115 36.07 37.16 -2.99
N ALA A 116 35.58 36.45 -4.02
CA ALA A 116 36.42 35.51 -4.73
C ALA A 116 37.37 36.19 -5.72
N ASP A 117 38.40 35.45 -6.15
CA ASP A 117 39.37 35.97 -7.10
C ASP A 117 38.69 36.33 -8.41
N SER A 118 39.08 37.47 -8.99
CA SER A 118 38.44 37.98 -10.19
C SER A 118 38.62 37.05 -11.39
N ASN A 119 39.61 36.18 -11.33
CA ASN A 119 39.90 35.27 -12.43
C ASN A 119 39.89 33.80 -12.02
N ILE A 120 38.77 33.35 -11.48
CA ILE A 120 38.61 31.96 -11.09
C ILE A 120 37.67 31.22 -12.04
N VAL A 121 38.03 29.99 -12.37
CA VAL A 121 37.22 29.18 -13.28
C VAL A 121 36.07 28.51 -12.54
N ILE A 122 34.86 29.00 -12.80
CA ILE A 122 33.66 28.48 -12.14
C ILE A 122 33.03 27.35 -12.94
N MET A 123 33.04 26.15 -12.37
CA MET A 123 32.42 24.99 -13.01
C MET A 123 31.17 24.56 -12.26
N LEU A 124 30.01 24.79 -12.87
CA LEU A 124 28.74 24.43 -12.27
C LEU A 124 28.62 22.91 -12.12
N VAL A 125 28.04 22.46 -11.01
CA VAL A 125 27.94 21.04 -10.74
C VAL A 125 26.54 20.64 -10.24
N GLY A 126 25.89 19.75 -10.98
CA GLY A 126 24.60 19.24 -10.58
C GLY A 126 24.72 17.86 -9.95
N ASN A 127 24.89 17.84 -8.63
CA ASN A 127 25.09 16.58 -7.90
C ASN A 127 23.78 15.82 -7.70
N LYS A 128 23.90 14.58 -7.24
CA LYS A 128 22.74 13.74 -6.96
C LYS A 128 21.96 13.44 -8.24
N SER A 129 22.68 13.07 -9.29
CA SER A 129 22.06 12.79 -10.58
C SER A 129 21.52 11.35 -10.63
N ASP A 130 21.75 10.59 -9.57
CA ASP A 130 21.25 9.23 -9.48
C ASP A 130 19.76 9.21 -9.15
N LEU A 131 19.29 10.29 -8.54
CA LEU A 131 17.86 10.45 -8.26
C LEU A 131 17.12 10.83 -9.53
N ARG A 132 17.17 9.95 -10.52
CA ARG A 132 16.61 10.23 -11.84
C ARG A 132 15.11 10.51 -11.81
N HIS A 133 14.42 9.90 -10.85
CA HIS A 133 12.97 10.02 -10.77
C HIS A 133 12.53 11.19 -9.89
N LEU A 134 13.50 11.85 -9.25
CA LEU A 134 13.21 12.99 -8.39
C LEU A 134 13.84 14.27 -8.93
N ARG A 135 14.16 14.27 -10.23
CA ARG A 135 14.77 15.43 -10.86
C ARG A 135 13.84 16.64 -10.81
N ALA A 136 14.37 17.76 -10.34
CA ALA A 136 13.61 18.99 -10.25
C ALA A 136 14.23 20.07 -11.13
N VAL A 137 15.47 19.84 -11.58
CA VAL A 137 16.18 20.78 -12.42
C VAL A 137 16.49 20.19 -13.78
N PRO A 138 15.99 20.83 -14.86
CA PRO A 138 16.23 20.37 -16.22
C PRO A 138 17.72 20.43 -16.58
N THR A 139 18.24 19.35 -17.15
CA THR A 139 19.65 19.25 -17.48
C THR A 139 20.04 20.18 -18.64
N ASP A 140 19.07 20.50 -19.48
CA ASP A 140 19.32 21.35 -20.64
C ASP A 140 19.21 22.83 -20.28
N GLU A 141 18.30 23.16 -19.37
CA GLU A 141 18.12 24.54 -18.94
C GLU A 141 19.25 24.98 -18.02
N ALA A 142 19.74 24.06 -17.20
CA ALA A 142 20.84 24.35 -16.29
C ALA A 142 22.15 24.48 -17.06
N ARG A 143 22.32 23.66 -18.10
CA ARG A 143 23.50 23.72 -18.95
C ARG A 143 23.50 24.99 -19.78
N ALA A 144 22.31 25.48 -20.09
CA ALA A 144 22.17 26.73 -20.83
C ALA A 144 22.61 27.92 -19.98
N PHE A 145 22.33 27.84 -18.69
CA PHE A 145 22.74 28.87 -17.74
C PHE A 145 24.26 28.95 -17.65
N ALA A 146 24.92 27.81 -17.90
CA ALA A 146 26.36 27.75 -17.87
C ALA A 146 26.97 28.47 -19.08
N GLU A 147 26.20 28.54 -20.16
CA GLU A 147 26.65 29.23 -21.37
C GLU A 147 26.39 30.73 -21.28
N LYS A 148 25.36 31.10 -20.51
CA LYS A 148 25.03 32.51 -20.32
C LYS A 148 26.11 33.22 -19.52
N ASN A 149 26.79 32.49 -18.66
CA ASN A 149 27.87 33.03 -17.85
C ASN A 149 29.23 32.53 -18.30
N GLY A 150 29.23 31.71 -19.34
CA GLY A 150 30.47 31.14 -19.87
C GLY A 150 31.17 30.25 -18.88
N LEU A 151 30.39 29.47 -18.12
CA LEU A 151 30.94 28.58 -17.11
C LEU A 151 30.84 27.12 -17.51
N SER A 152 31.80 26.32 -17.07
CA SER A 152 31.80 24.89 -17.34
C SER A 152 30.66 24.21 -16.60
N PHE A 153 30.07 23.20 -17.23
CA PHE A 153 28.91 22.52 -16.66
C PHE A 153 29.08 21.00 -16.64
N ILE A 154 28.51 20.37 -15.62
CA ILE A 154 28.57 18.92 -15.48
C ILE A 154 27.71 18.45 -14.30
N GLU A 155 27.02 17.34 -14.49
CA GLU A 155 26.19 16.75 -13.43
C GLU A 155 26.85 15.49 -12.89
N THR A 156 27.03 15.44 -11.57
CA THR A 156 27.71 14.31 -10.95
C THR A 156 26.81 13.57 -9.96
N SER A 157 27.36 12.55 -9.32
CA SER A 157 26.64 11.77 -8.33
C SER A 157 27.61 11.04 -7.41
N ALA A 158 27.76 11.57 -6.19
CA ALA A 158 28.73 11.05 -5.24
C ALA A 158 28.35 9.67 -4.70
N LEU A 159 27.17 9.19 -5.06
CA LEU A 159 26.70 7.90 -4.58
C LEU A 159 27.26 6.77 -5.43
N ASP A 160 27.30 6.97 -6.74
CA ASP A 160 27.81 5.95 -7.65
C ASP A 160 29.05 6.44 -8.40
N SER A 161 29.57 7.59 -7.97
CA SER A 161 30.79 8.17 -8.52
C SER A 161 30.68 8.42 -10.03
N THR A 162 29.56 9.00 -10.45
CA THR A 162 29.36 9.33 -11.85
C THR A 162 29.92 10.70 -12.19
N ASN A 163 30.95 10.73 -13.02
CA ASN A 163 31.60 11.97 -13.42
C ASN A 163 32.19 12.72 -12.23
N VAL A 164 32.50 11.99 -11.18
CA VAL A 164 33.07 12.60 -9.98
C VAL A 164 34.49 13.08 -10.24
N GLU A 165 35.37 12.15 -10.61
CA GLU A 165 36.76 12.50 -10.90
C GLU A 165 36.85 13.36 -12.16
N ALA A 166 35.96 13.11 -13.11
CA ALA A 166 35.93 13.86 -14.36
C ALA A 166 35.65 15.34 -14.09
N ALA A 167 34.93 15.61 -13.01
CA ALA A 167 34.61 16.99 -12.63
C ALA A 167 35.87 17.74 -12.25
N PHE A 168 36.62 17.20 -11.30
CA PHE A 168 37.85 17.82 -10.84
C PHE A 168 38.96 17.67 -11.88
N GLN A 169 38.90 16.61 -12.66
CA GLN A 169 39.87 16.38 -13.72
C GLN A 169 39.79 17.49 -14.77
N THR A 170 38.58 18.01 -14.98
CA THR A 170 38.35 19.07 -15.94
C THR A 170 38.64 20.44 -15.33
N ILE A 171 38.20 20.64 -14.10
CA ILE A 171 38.38 21.91 -13.41
C ILE A 171 39.87 22.17 -13.17
N LEU A 172 40.64 21.11 -12.99
CA LEU A 172 42.08 21.24 -12.78
C LEU A 172 42.81 21.39 -14.11
N THR A 173 42.25 20.78 -15.16
CA THR A 173 42.83 20.88 -16.49
C THR A 173 42.52 22.24 -17.10
N GLU A 174 41.34 22.79 -16.78
CA GLU A 174 40.92 24.07 -17.32
C GLU A 174 41.64 25.23 -16.64
N ILE A 175 42.24 24.96 -15.48
CA ILE A 175 43.01 25.97 -14.77
C ILE A 175 44.43 26.05 -15.33
N TYR A 176 44.61 26.89 -16.34
CA TYR A 176 45.91 27.09 -16.98
C TYR A 176 46.01 28.47 -17.59
N SER B 12 30.39 2.35 4.20
CA SER B 12 29.01 2.57 3.78
C SER B 12 28.25 1.26 3.68
N TRP B 13 28.04 0.62 4.82
CA TRP B 13 27.31 -0.64 4.87
C TRP B 13 25.85 -0.47 4.49
N LEU B 14 25.28 0.66 4.88
CA LEU B 14 23.87 0.96 4.61
C LEU B 14 23.57 0.98 3.12
N LEU B 15 24.46 1.59 2.34
CA LEU B 15 24.29 1.66 0.90
C LEU B 15 24.42 0.28 0.28
N ARG B 16 25.24 -0.57 0.90
CA ARG B 16 25.42 -1.94 0.44
C ARG B 16 24.13 -2.73 0.63
N LEU B 17 23.31 -2.30 1.58
CA LEU B 17 22.05 -2.96 1.87
C LEU B 17 20.98 -2.57 0.85
N PHE B 18 20.88 -1.27 0.57
CA PHE B 18 19.90 -0.78 -0.39
C PHE B 18 20.24 -1.25 -1.80
N GLU B 19 21.53 -1.26 -2.13
CA GLU B 19 21.99 -1.75 -3.42
C GLU B 19 21.75 -3.25 -3.54
N SER B 20 21.68 -3.92 -2.40
CA SER B 20 21.49 -5.36 -2.35
C SER B 20 20.13 -5.79 -2.89
N LYS B 21 20.03 -7.06 -3.28
CA LYS B 21 18.78 -7.63 -3.74
C LYS B 21 17.81 -7.82 -2.57
N LEU B 22 18.37 -7.75 -1.36
CA LEU B 22 17.59 -7.94 -0.14
C LEU B 22 16.71 -6.74 0.17
N PHE B 23 16.78 -5.72 -0.68
CA PHE B 23 16.04 -4.49 -0.49
C PHE B 23 14.72 -4.51 -1.25
N ASP B 24 13.61 -4.68 -0.53
CA ASP B 24 12.29 -4.72 -1.12
C ASP B 24 11.46 -3.51 -0.71
N ILE B 25 10.20 -3.50 -1.12
CA ILE B 25 9.30 -2.38 -0.83
C ILE B 25 8.96 -2.32 0.66
N SER B 26 8.94 -3.47 1.32
CA SER B 26 8.62 -3.55 2.73
C SER B 26 9.70 -2.85 3.57
N MET B 27 10.95 -3.18 3.29
CA MET B 27 12.07 -2.58 4.02
C MET B 27 12.29 -1.14 3.61
N ALA B 28 11.93 -0.82 2.37
CA ALA B 28 12.02 0.55 1.87
C ALA B 28 11.10 1.46 2.69
N ILE B 29 9.97 0.92 3.11
CA ILE B 29 9.04 1.65 3.96
C ILE B 29 9.56 1.70 5.40
N SER B 30 10.32 0.67 5.76
CA SER B 30 10.90 0.58 7.09
C SER B 30 11.87 1.72 7.37
N TYR B 31 12.84 1.91 6.48
CA TYR B 31 13.82 2.97 6.64
C TYR B 31 13.19 4.35 6.46
N LEU B 32 12.25 4.45 5.52
CA LEU B 32 11.55 5.70 5.29
C LEU B 32 10.66 6.06 6.47
N TYR B 33 10.40 5.08 7.33
CA TYR B 33 9.54 5.27 8.50
C TYR B 33 10.35 5.62 9.74
N ASN B 34 11.63 5.24 9.76
CA ASN B 34 12.48 5.46 10.92
C ASN B 34 13.57 6.50 10.69
N SER B 35 14.23 6.41 9.54
CA SER B 35 15.37 7.27 9.24
C SER B 35 15.00 8.75 9.22
N LYS B 36 15.81 9.55 9.90
CA LYS B 36 15.64 11.00 9.89
C LYS B 36 16.67 11.65 8.97
N GLU B 37 17.31 10.82 8.14
CA GLU B 37 18.30 11.30 7.18
C GLU B 37 17.64 11.67 5.85
N PRO B 38 17.62 12.97 5.53
CA PRO B 38 17.03 13.51 4.29
C PRO B 38 17.59 12.84 3.04
N GLY B 39 18.87 12.49 3.07
CA GLY B 39 19.51 11.82 1.96
C GLY B 39 18.99 10.41 1.78
N VAL B 40 18.63 9.78 2.89
CA VAL B 40 18.10 8.42 2.87
C VAL B 40 16.64 8.40 2.41
N GLN B 41 15.87 9.35 2.90
CA GLN B 41 14.46 9.46 2.55
C GLN B 41 14.29 9.76 1.07
N ALA B 42 15.05 10.72 0.57
CA ALA B 42 14.96 11.12 -0.84
C ALA B 42 15.44 9.98 -1.75
N TYR B 43 16.40 9.20 -1.27
CA TYR B 43 16.90 8.06 -2.04
C TYR B 43 15.85 6.96 -2.13
N ILE B 44 15.20 6.68 -1.02
CA ILE B 44 14.16 5.68 -0.97
C ILE B 44 12.97 6.11 -1.84
N GLY B 45 12.69 7.41 -1.85
CA GLY B 45 11.62 7.96 -2.66
C GLY B 45 11.87 7.78 -4.14
N ASN B 46 13.13 7.49 -4.47
CA ASN B 46 13.53 7.26 -5.86
C ASN B 46 13.48 5.78 -6.23
N ARG B 47 13.78 4.93 -5.25
CA ARG B 47 13.78 3.49 -5.46
C ARG B 47 12.37 2.97 -5.68
N LEU B 48 11.38 3.72 -5.22
CA LEU B 48 9.98 3.33 -5.37
C LEU B 48 9.60 3.15 -6.83
N PHE B 49 10.16 3.98 -7.70
CA PHE B 49 9.90 3.91 -9.12
C PHE B 49 10.46 2.61 -9.71
N CYS B 50 11.41 2.00 -9.02
CA CYS B 50 12.06 0.79 -9.49
C CYS B 50 11.26 -0.47 -9.16
N PHE B 51 10.47 -0.41 -8.08
CA PHE B 51 9.65 -1.54 -7.67
C PHE B 51 8.49 -1.78 -8.63
N ARG B 52 7.89 -2.96 -8.52
CA ARG B 52 6.69 -3.27 -9.28
C ARG B 52 5.53 -2.45 -8.74
N ASN B 53 4.60 -2.07 -9.63
CA ASN B 53 3.44 -1.30 -9.22
C ASN B 53 2.58 -2.07 -8.24
N GLU B 54 2.45 -3.37 -8.46
CA GLU B 54 1.62 -4.23 -7.63
C GLU B 54 2.12 -4.31 -6.18
N ASP B 55 3.43 -4.47 -6.03
CA ASP B 55 4.02 -4.65 -4.71
C ASP B 55 3.85 -3.39 -3.85
N VAL B 56 3.86 -2.23 -4.49
CA VAL B 56 3.76 -0.97 -3.78
C VAL B 56 2.31 -0.63 -3.44
N ASP B 57 1.38 -1.07 -4.29
CA ASP B 57 -0.03 -0.80 -4.08
C ASP B 57 -0.53 -1.33 -2.74
N PHE B 58 -0.02 -2.50 -2.34
CA PHE B 58 -0.43 -3.12 -1.09
C PHE B 58 -0.14 -2.23 0.11
N TYR B 59 0.94 -1.45 0.02
CA TYR B 59 1.33 -0.56 1.11
C TYR B 59 0.88 0.87 0.86
N LEU B 60 -0.10 1.05 -0.02
CA LEU B 60 -0.62 2.37 -0.32
C LEU B 60 -1.29 3.02 0.89
N PRO B 61 -2.10 2.25 1.64
CA PRO B 61 -2.69 2.77 2.88
C PRO B 61 -1.63 3.18 3.89
N GLN B 62 -0.48 2.52 3.84
CA GLN B 62 0.64 2.85 4.72
C GLN B 62 1.35 4.12 4.26
N LEU B 63 1.70 4.17 2.98
CA LEU B 63 2.41 5.31 2.43
C LEU B 63 1.62 6.60 2.55
N LEU B 64 0.35 6.55 2.15
CA LEU B 64 -0.52 7.72 2.22
C LEU B 64 -0.75 8.15 3.67
N ASN B 65 -0.73 7.19 4.58
CA ASN B 65 -0.91 7.49 5.99
C ASN B 65 0.33 8.14 6.57
N MET B 66 1.50 7.69 6.12
CA MET B 66 2.77 8.30 6.54
C MET B 66 2.87 9.71 6.00
N TYR B 67 2.28 9.93 4.83
CA TYR B 67 2.32 11.23 4.18
C TYR B 67 1.53 12.28 4.95
N ILE B 68 0.46 11.84 5.60
CA ILE B 68 -0.45 12.78 6.27
C ILE B 68 -0.09 13.00 7.74
N HIS B 69 0.33 11.94 8.42
CA HIS B 69 0.55 12.01 9.87
C HIS B 69 2.02 11.83 10.26
N MET B 70 2.91 12.44 9.51
CA MET B 70 4.34 12.40 9.83
C MET B 70 5.03 13.70 9.48
N ASP B 71 6.35 13.74 9.70
CA ASP B 71 7.15 14.92 9.38
C ASP B 71 7.04 15.26 7.90
N GLU B 72 7.00 16.56 7.61
CA GLU B 72 6.86 17.03 6.23
C GLU B 72 8.01 16.54 5.35
N ASP B 73 9.16 16.29 5.98
CA ASP B 73 10.33 15.81 5.27
C ASP B 73 10.14 14.37 4.78
N VAL B 74 9.08 13.73 5.26
CA VAL B 74 8.78 12.35 4.87
C VAL B 74 7.75 12.33 3.74
N GLY B 75 6.74 13.18 3.84
CA GLY B 75 5.68 13.23 2.85
C GLY B 75 6.17 13.66 1.48
N ASP B 76 7.03 14.66 1.45
CA ASP B 76 7.53 15.20 0.18
C ASP B 76 8.40 14.19 -0.57
N ALA B 77 8.91 13.19 0.15
CA ALA B 77 9.74 12.16 -0.46
C ALA B 77 8.90 11.14 -1.21
N ILE B 78 7.68 10.90 -0.73
CA ILE B 78 6.78 9.94 -1.33
C ILE B 78 5.93 10.58 -2.44
N LYS B 79 5.74 11.90 -2.32
CA LYS B 79 4.90 12.65 -3.24
C LYS B 79 5.26 12.47 -4.72
N PRO B 80 6.56 12.49 -5.06
CA PRO B 80 6.95 12.33 -6.46
C PRO B 80 6.52 10.99 -7.05
N TYR B 81 6.66 9.92 -6.28
CA TYR B 81 6.24 8.60 -6.73
C TYR B 81 4.73 8.50 -6.88
N ILE B 82 4.03 9.09 -5.92
CA ILE B 82 2.57 9.07 -5.91
C ILE B 82 1.99 9.79 -7.10
N VAL B 83 2.55 10.97 -7.40
CA VAL B 83 2.08 11.78 -8.52
C VAL B 83 2.30 11.07 -9.84
N HIS B 84 3.42 10.36 -9.95
CA HIS B 84 3.75 9.62 -11.16
C HIS B 84 2.73 8.53 -11.43
N ARG B 85 2.33 7.81 -10.39
CA ARG B 85 1.39 6.72 -10.54
C ARG B 85 -0.03 7.22 -10.80
N CYS B 86 -0.36 8.37 -10.24
CA CYS B 86 -1.67 8.97 -10.46
C CYS B 86 -1.82 9.43 -11.91
N ARG B 87 -0.71 9.88 -12.49
CA ARG B 87 -0.71 10.34 -13.88
C ARG B 87 -0.86 9.18 -14.86
N GLN B 88 -0.66 7.95 -14.36
CA GLN B 88 -0.75 6.76 -15.20
C GLN B 88 -2.09 6.05 -15.06
N SER B 89 -2.52 5.82 -13.82
CA SER B 89 -3.73 5.06 -13.56
C SER B 89 -4.86 5.93 -13.01
N ILE B 90 -5.99 5.93 -13.71
CA ILE B 90 -7.18 6.63 -13.25
C ILE B 90 -7.68 6.02 -11.95
N ASN B 91 -7.58 4.69 -11.86
CA ASN B 91 -7.96 3.97 -10.65
C ASN B 91 -7.06 4.34 -9.48
N PHE B 92 -5.76 4.41 -9.74
CA PHE B 92 -4.79 4.79 -8.72
C PHE B 92 -5.05 6.21 -8.23
N SER B 93 -5.51 7.06 -9.14
CA SER B 93 -5.86 8.44 -8.80
C SER B 93 -7.04 8.45 -7.86
N LEU B 94 -8.01 7.58 -8.13
CA LEU B 94 -9.21 7.47 -7.32
C LEU B 94 -8.88 6.93 -5.93
N GLN B 95 -8.05 5.91 -5.88
CA GLN B 95 -7.65 5.29 -4.62
C GLN B 95 -7.00 6.30 -3.68
N CYS B 96 -6.14 7.15 -4.23
CA CYS B 96 -5.45 8.16 -3.43
C CYS B 96 -6.42 9.20 -2.88
N ALA B 97 -7.30 9.69 -3.75
CA ALA B 97 -8.24 10.74 -3.38
C ALA B 97 -9.18 10.28 -2.27
N LEU B 98 -9.41 8.98 -2.19
CA LEU B 98 -10.30 8.41 -1.19
C LEU B 98 -9.58 8.19 0.14
N LEU B 99 -8.32 7.79 0.07
CA LEU B 99 -7.53 7.50 1.27
C LEU B 99 -7.02 8.78 1.94
N LEU B 100 -6.74 9.79 1.13
CA LEU B 100 -6.24 11.05 1.65
C LEU B 100 -7.28 11.77 2.51
N GLY B 101 -8.53 11.71 2.08
CA GLY B 101 -9.62 12.36 2.79
C GLY B 101 -10.18 11.51 3.91
N ALA B 102 -9.95 10.20 3.82
CA ALA B 102 -10.47 9.28 4.82
C ALA B 102 -9.63 9.29 6.09
N TYR B 103 -8.33 9.47 5.93
CA TYR B 103 -7.42 9.46 7.08
C TYR B 103 -7.04 10.88 7.52
N SER B 104 -7.67 11.88 6.92
CA SER B 104 -7.39 13.28 7.27
C SER B 104 -8.33 13.79 8.35
N SER B 105 -7.76 14.23 9.46
CA SER B 105 -8.55 14.76 10.58
C SER B 105 -7.64 15.38 11.63
N ARG B 116 -3.58 17.45 6.01
CA ARG B 116 -2.43 17.91 5.26
C ARG B 116 -2.58 17.61 3.77
N GLY B 117 -2.98 16.38 3.46
CA GLY B 117 -3.13 15.95 2.09
C GLY B 117 -4.38 16.51 1.43
N THR B 118 -5.06 17.40 2.13
CA THR B 118 -6.29 18.00 1.61
C THR B 118 -6.01 18.86 0.38
N LYS B 119 -4.85 19.50 0.35
CA LYS B 119 -4.47 20.33 -0.77
C LYS B 119 -4.05 19.50 -1.98
N LEU B 120 -3.76 18.23 -1.73
CA LEU B 120 -3.35 17.32 -2.79
C LEU B 120 -4.55 16.61 -3.41
N ARG B 121 -5.53 16.26 -2.57
CA ARG B 121 -6.74 15.61 -3.03
C ARG B 121 -7.53 16.49 -3.98
N LYS B 122 -7.44 17.80 -3.78
CA LYS B 122 -8.21 18.76 -4.56
C LYS B 122 -7.61 19.00 -5.94
N LEU B 123 -6.38 18.54 -6.14
CA LEU B 123 -5.73 18.70 -7.44
C LEU B 123 -5.77 17.40 -8.23
N ILE B 124 -5.76 16.27 -7.52
CA ILE B 124 -5.91 14.97 -8.17
C ILE B 124 -7.28 14.88 -8.83
N LEU B 125 -8.27 15.50 -8.19
CA LEU B 125 -9.62 15.56 -8.73
C LEU B 125 -9.75 16.74 -9.68
N SER B 126 -8.65 17.46 -9.88
CA SER B 126 -8.63 18.63 -10.75
C SER B 126 -7.58 18.47 -11.84
N ARG B 151 -12.84 14.39 -15.54
CA ARG B 151 -12.33 13.05 -15.80
C ARG B 151 -12.88 12.04 -14.81
N LEU B 152 -12.65 12.29 -13.52
CA LEU B 152 -13.16 11.42 -12.47
C LEU B 152 -14.59 11.78 -12.10
N ALA B 153 -15.16 12.73 -12.84
CA ALA B 153 -16.53 13.16 -12.62
C ALA B 153 -17.53 12.00 -12.73
N PRO B 154 -17.46 11.25 -13.84
CA PRO B 154 -18.36 10.10 -14.04
C PRO B 154 -18.26 9.08 -12.91
N GLU B 155 -17.04 8.84 -12.43
CA GLU B 155 -16.82 7.86 -11.37
C GLU B 155 -17.36 8.37 -10.04
N ARG B 156 -16.97 9.59 -9.67
CA ARG B 156 -17.41 10.18 -8.41
C ARG B 156 -18.93 10.27 -8.34
N GLU B 157 -19.56 10.53 -9.47
CA GLU B 157 -21.02 10.61 -9.55
C GLU B 157 -21.65 9.24 -9.26
N PHE B 158 -20.93 8.18 -9.61
CA PHE B 158 -21.42 6.83 -9.44
C PHE B 158 -21.35 6.40 -7.97
N ILE B 159 -20.36 6.92 -7.26
CA ILE B 159 -20.18 6.60 -5.85
C ILE B 159 -21.18 7.36 -4.97
N LYS B 160 -21.35 8.64 -5.24
CA LYS B 160 -22.30 9.47 -4.50
C LYS B 160 -23.72 8.95 -4.65
N SER B 161 -24.06 8.51 -5.86
CA SER B 161 -25.39 7.97 -6.12
C SER B 161 -25.67 6.74 -5.26
N LEU B 162 -24.72 5.81 -5.25
CA LEU B 162 -24.86 4.59 -4.45
C LEU B 162 -25.03 4.92 -2.97
N MET B 163 -24.15 5.78 -2.46
CA MET B 163 -24.19 6.16 -1.06
C MET B 163 -25.45 6.94 -0.72
N ALA B 164 -25.95 7.69 -1.70
CA ALA B 164 -27.18 8.45 -1.52
C ALA B 164 -28.38 7.51 -1.44
N ILE B 165 -28.36 6.47 -2.28
CA ILE B 165 -29.42 5.48 -2.32
C ILE B 165 -29.58 4.79 -0.96
N GLY B 166 -28.45 4.43 -0.36
CA GLY B 166 -28.46 3.76 0.93
C GLY B 166 -28.95 4.66 2.05
N LYS B 167 -28.65 5.94 1.94
CA LYS B 167 -29.01 6.90 2.98
C LYS B 167 -30.52 7.10 3.09
N ARG B 168 -31.18 7.21 1.95
CA ARG B 168 -32.62 7.47 1.92
C ARG B 168 -33.42 6.29 2.47
N LEU B 169 -32.79 5.12 2.53
CA LEU B 169 -33.46 3.92 2.99
C LEU B 169 -33.62 3.90 4.52
N ALA B 170 -33.37 5.04 5.14
CA ALA B 170 -33.45 5.14 6.61
C ALA B 170 -34.90 5.28 7.07
N THR B 171 -35.79 5.63 6.13
CA THR B 171 -37.20 5.83 6.45
C THR B 171 -37.96 4.50 6.50
N LEU B 172 -37.62 3.59 5.59
CA LEU B 172 -38.28 2.29 5.52
C LEU B 172 -37.78 1.39 6.65
N PRO B 173 -38.65 1.14 7.64
CA PRO B 173 -38.29 0.46 8.89
C PRO B 173 -37.97 -1.02 8.74
N THR B 174 -38.38 -1.65 7.64
CA THR B 174 -38.17 -3.09 7.48
C THR B 174 -37.20 -3.42 6.35
N LYS B 175 -36.60 -4.62 6.44
CA LYS B 175 -35.67 -5.10 5.44
C LYS B 175 -36.34 -5.27 4.09
N GLU B 176 -37.65 -5.53 4.12
CA GLU B 176 -38.41 -5.75 2.89
C GLU B 176 -38.77 -4.44 2.20
N GLN B 177 -39.11 -3.43 2.99
CA GLN B 177 -39.45 -2.11 2.46
C GLN B 177 -38.25 -1.49 1.74
N LYS B 178 -37.09 -1.52 2.40
CA LYS B 178 -35.87 -0.94 1.83
C LYS B 178 -35.50 -1.56 0.49
N THR B 179 -35.54 -2.90 0.43
CA THR B 179 -35.23 -3.62 -0.79
C THR B 179 -36.17 -3.26 -1.93
N GLN B 180 -37.40 -2.90 -1.57
CA GLN B 180 -38.40 -2.51 -2.56
C GLN B 180 -38.05 -1.16 -3.19
N ARG B 181 -37.62 -0.23 -2.35
CA ARG B 181 -37.24 1.10 -2.80
C ARG B 181 -35.86 1.08 -3.46
N LEU B 182 -34.99 0.19 -2.97
CA LEU B 182 -33.63 0.07 -3.49
C LEU B 182 -33.62 -0.38 -4.95
N ILE B 183 -34.39 -1.43 -5.25
CA ILE B 183 -34.44 -1.98 -6.59
C ILE B 183 -34.97 -0.95 -7.59
N SER B 184 -35.98 -0.19 -7.17
CA SER B 184 -36.54 0.86 -8.01
C SER B 184 -35.55 2.02 -8.17
N GLU B 185 -34.76 2.25 -7.12
CA GLU B 185 -33.79 3.34 -7.11
C GLU B 185 -32.60 3.03 -8.02
N LEU B 186 -32.13 1.80 -7.98
CA LEU B 186 -31.00 1.37 -8.79
C LEU B 186 -31.36 1.28 -10.27
N SER B 187 -32.65 1.12 -10.56
CA SER B 187 -33.11 1.01 -11.93
C SER B 187 -32.91 2.30 -12.70
N LEU B 188 -32.64 3.38 -11.97
CA LEU B 188 -32.44 4.69 -12.57
C LEU B 188 -31.01 4.85 -13.09
N LEU B 189 -30.09 4.10 -12.50
CA LEU B 189 -28.69 4.20 -12.86
C LEU B 189 -28.43 3.67 -14.27
N ASN B 190 -29.22 2.70 -14.69
CA ASN B 190 -29.06 2.10 -16.01
C ASN B 190 -29.41 3.06 -17.14
N HIS B 191 -30.04 4.18 -16.78
CA HIS B 191 -30.43 5.19 -17.76
C HIS B 191 -29.25 6.08 -18.13
N LYS B 192 -28.14 5.90 -17.42
CA LYS B 192 -26.93 6.66 -17.70
C LYS B 192 -25.72 5.73 -17.80
N LEU B 193 -25.91 4.57 -18.41
CA LEU B 193 -24.84 3.60 -18.62
C LEU B 193 -24.88 3.03 -20.03
N PRO B 194 -23.74 2.53 -20.52
CA PRO B 194 -22.48 2.49 -19.77
C PRO B 194 -21.83 3.86 -19.64
N ALA B 195 -20.67 3.90 -18.99
CA ALA B 195 -19.96 5.15 -18.78
C ALA B 195 -18.56 4.88 -18.24
N ARG B 196 -17.79 5.95 -18.05
CA ARG B 196 -16.43 5.83 -17.52
C ARG B 196 -16.46 5.54 -16.03
N VAL B 197 -17.06 4.42 -15.66
CA VAL B 197 -17.17 4.01 -14.27
C VAL B 197 -16.72 2.56 -14.11
N TRP B 198 -16.13 2.25 -12.96
CA TRP B 198 -15.60 0.91 -12.71
C TRP B 198 -15.65 0.55 -11.24
N LEU B 199 -15.73 -0.75 -10.95
CA LEU B 199 -15.65 -1.23 -9.58
C LEU B 199 -14.20 -1.52 -9.21
N PRO B 200 -13.62 -0.67 -8.34
CA PRO B 200 -12.23 -0.80 -7.90
C PRO B 200 -11.92 -2.15 -7.28
N THR B 201 -12.94 -2.82 -6.75
CA THR B 201 -12.76 -4.11 -6.11
C THR B 201 -12.47 -5.22 -7.12
N ALA B 202 -12.76 -4.94 -8.39
CA ALA B 202 -12.49 -5.92 -9.45
C ALA B 202 -10.99 -6.02 -9.72
N GLY B 203 -10.52 -7.23 -9.98
CA GLY B 203 -9.11 -7.46 -10.23
C GLY B 203 -8.72 -7.25 -11.68
N PHE B 204 -9.39 -6.31 -12.34
CA PHE B 204 -9.11 -6.01 -13.74
C PHE B 204 -9.81 -4.73 -14.18
N ASP B 205 -9.39 -4.20 -15.33
CA ASP B 205 -10.01 -3.00 -15.89
C ASP B 205 -11.33 -3.36 -16.56
N HIS B 206 -12.29 -2.44 -16.51
CA HIS B 206 -13.61 -2.72 -17.05
C HIS B 206 -14.49 -1.47 -17.07
N HIS B 207 -15.63 -1.57 -17.76
CA HIS B 207 -16.59 -0.49 -17.82
C HIS B 207 -17.97 -0.98 -17.37
N VAL B 208 -18.53 -0.35 -16.35
CA VAL B 208 -19.86 -0.68 -15.86
C VAL B 208 -20.90 -0.41 -16.94
N VAL B 209 -21.58 -1.45 -17.39
CA VAL B 209 -22.52 -1.32 -18.50
C VAL B 209 -23.97 -1.44 -18.07
N ARG B 210 -24.26 -2.39 -17.19
CA ARG B 210 -25.63 -2.66 -16.77
C ARG B 210 -25.72 -3.01 -15.29
N VAL B 211 -26.85 -2.68 -14.67
CA VAL B 211 -27.05 -2.95 -13.25
C VAL B 211 -28.36 -3.67 -12.99
N PRO B 212 -28.31 -5.00 -12.84
CA PRO B 212 -29.49 -5.81 -12.52
C PRO B 212 -30.07 -5.44 -11.16
N HIS B 213 -30.96 -4.45 -11.14
CA HIS B 213 -31.52 -3.93 -9.89
C HIS B 213 -32.43 -4.93 -9.20
N THR B 214 -33.05 -5.82 -9.99
CA THR B 214 -34.00 -6.78 -9.45
C THR B 214 -33.30 -7.82 -8.56
N GLN B 215 -31.97 -7.85 -8.61
CA GLN B 215 -31.21 -8.81 -7.83
C GLN B 215 -30.64 -8.17 -6.56
N ALA B 216 -30.68 -6.84 -6.50
CA ALA B 216 -30.20 -6.13 -5.31
C ALA B 216 -31.12 -6.38 -4.13
N VAL B 217 -30.62 -6.08 -2.92
CA VAL B 217 -31.40 -6.29 -1.70
C VAL B 217 -30.72 -5.71 -0.48
N VAL B 218 -31.52 -5.17 0.43
CA VAL B 218 -31.00 -4.67 1.70
C VAL B 218 -30.75 -5.83 2.67
N LEU B 219 -29.58 -5.81 3.31
CA LEU B 219 -29.14 -6.93 4.14
C LEU B 219 -29.89 -7.04 5.45
N ASN B 220 -30.19 -5.91 6.08
CA ASN B 220 -30.88 -5.93 7.37
C ASN B 220 -31.85 -4.76 7.53
N SER B 221 -32.44 -4.65 8.71
CA SER B 221 -33.47 -3.65 8.98
C SER B 221 -32.94 -2.50 9.83
N LYS B 222 -31.68 -2.15 9.64
CA LYS B 222 -31.06 -1.08 10.41
C LYS B 222 -31.33 0.30 9.82
N ASP B 223 -30.97 1.34 10.56
CA ASP B 223 -31.18 2.72 10.13
C ASP B 223 -30.44 2.99 8.82
N LYS B 224 -29.11 2.96 8.88
CA LYS B 224 -28.31 3.09 7.67
C LYS B 224 -27.88 1.71 7.19
N ALA B 225 -28.88 0.87 6.91
CA ALA B 225 -28.65 -0.52 6.52
C ALA B 225 -27.87 -0.62 5.22
N PRO B 226 -26.97 -1.61 5.13
CA PRO B 226 -26.18 -1.89 3.93
C PRO B 226 -26.99 -2.65 2.90
N TYR B 227 -26.59 -2.58 1.63
CA TYR B 227 -27.28 -3.30 0.57
C TYR B 227 -26.31 -3.90 -0.44
N LEU B 228 -26.61 -5.12 -0.87
CA LEU B 228 -25.77 -5.82 -1.85
C LEU B 228 -26.32 -5.62 -3.25
N ILE B 229 -25.43 -5.33 -4.20
CA ILE B 229 -25.86 -5.09 -5.57
C ILE B 229 -25.04 -5.91 -6.56
N TYR B 230 -25.65 -6.24 -7.71
CA TYR B 230 -24.95 -6.92 -8.77
C TYR B 230 -24.68 -5.97 -9.93
N VAL B 231 -23.45 -5.97 -10.41
CA VAL B 231 -23.04 -5.06 -11.48
C VAL B 231 -22.46 -5.80 -12.67
N GLU B 232 -23.03 -5.56 -13.84
CA GLU B 232 -22.52 -6.14 -15.08
C GLU B 232 -21.48 -5.21 -15.70
N VAL B 233 -20.29 -5.75 -15.96
CA VAL B 233 -19.20 -4.94 -16.49
C VAL B 233 -18.50 -5.60 -17.67
N LEU B 234 -17.88 -4.78 -18.51
CA LEU B 234 -17.11 -5.27 -19.65
C LEU B 234 -15.63 -5.00 -19.44
N GLU B 235 -14.84 -6.07 -19.39
CA GLU B 235 -13.40 -5.97 -19.16
C GLU B 235 -12.70 -5.27 -20.33
N CYS B 236 -11.39 -5.11 -20.22
CA CYS B 236 -10.62 -4.44 -21.27
C CYS B 236 -9.12 -4.56 -21.06
N GLU B 237 -8.35 -4.11 -22.05
CA GLU B 237 -6.90 -4.08 -21.95
C GLU B 237 -6.46 -3.09 -20.88
N ASN B 238 -6.82 -1.83 -21.07
CA ASN B 238 -6.52 -0.79 -20.10
C ASN B 238 -7.64 0.24 -20.04
N PHE B 239 -8.00 0.66 -18.83
CA PHE B 239 -9.10 1.61 -18.64
C PHE B 239 -8.79 2.96 -19.29
N ASP B 240 -7.55 3.40 -19.16
CA ASP B 240 -7.12 4.70 -19.70
C ASP B 240 -6.89 4.64 -21.20
N THR B 241 -7.37 3.56 -21.84
CA THR B 241 -7.15 3.37 -23.27
C THR B 241 -8.47 3.33 -24.06
N THR B 242 -9.41 2.52 -23.59
CA THR B 242 -10.66 2.32 -24.30
C THR B 242 -11.73 3.34 -23.93
N SER B 243 -12.56 3.70 -24.91
CA SER B 243 -13.67 4.61 -24.66
C SER B 243 -14.84 3.86 -24.05
N VAL B 244 -15.87 4.59 -23.64
CA VAL B 244 -17.07 3.97 -23.08
C VAL B 244 -17.78 3.13 -24.14
N PRO B 245 -18.09 1.87 -23.79
CA PRO B 245 -18.77 0.93 -24.71
C PRO B 245 -20.12 1.44 -25.18
N ALA B 246 -20.68 0.81 -26.21
CA ALA B 246 -21.98 1.20 -26.74
C ALA B 246 -23.10 0.79 -25.80
N ARG B 247 -24.26 1.43 -25.93
CA ARG B 247 -25.40 1.12 -25.09
C ARG B 247 -26.49 0.39 -25.87
N ILE B 248 -27.16 -0.54 -25.20
CA ILE B 248 -28.23 -1.32 -25.80
C ILE B 248 -29.30 -1.67 -24.76
N PRO B 249 -30.56 -1.33 -25.04
CA PRO B 249 -31.68 -1.56 -24.14
C PRO B 249 -32.38 -2.90 -24.38
N GLU B 256 -39.88 -8.85 -20.68
CA GLU B 256 -40.90 -8.67 -19.65
C GLU B 256 -41.13 -9.97 -18.89
N ASP B 257 -40.91 -9.92 -17.58
CA ASP B 257 -41.02 -11.09 -16.70
C ASP B 257 -40.08 -12.24 -17.09
N PRO B 258 -38.81 -11.92 -17.40
CA PRO B 258 -37.89 -13.01 -17.74
C PRO B 258 -36.91 -13.32 -16.61
N SER B 259 -35.86 -12.51 -16.50
CA SER B 259 -34.77 -12.75 -15.56
C SER B 259 -34.93 -11.97 -14.26
N ALA B 260 -35.95 -11.13 -14.20
CA ALA B 260 -36.20 -10.29 -13.02
C ALA B 260 -36.71 -11.10 -11.83
N VAL B 261 -36.05 -12.21 -11.53
CA VAL B 261 -36.44 -13.07 -10.43
C VAL B 261 -35.32 -13.16 -9.40
N ALA B 262 -35.66 -12.99 -8.13
CA ALA B 262 -34.67 -12.99 -7.06
C ALA B 262 -34.75 -14.25 -6.20
N LEU B 263 -33.75 -15.12 -6.35
CA LEU B 263 -33.69 -16.35 -5.57
C LEU B 263 -32.35 -16.49 -4.86
N LYS B 264 -32.32 -17.33 -3.82
CA LYS B 264 -31.08 -17.63 -3.12
C LYS B 264 -30.43 -18.87 -3.72
N GLU B 265 -29.46 -18.65 -4.60
CA GLU B 265 -28.83 -19.74 -5.33
C GLU B 265 -27.33 -19.54 -5.49
N PRO B 266 -26.62 -20.56 -5.99
CA PRO B 266 -25.18 -20.49 -6.23
C PRO B 266 -24.79 -19.34 -7.16
N TRP B 267 -23.50 -19.01 -7.18
CA TRP B 267 -23.02 -17.91 -8.00
C TRP B 267 -23.13 -18.23 -9.49
N GLN B 268 -22.75 -19.44 -9.87
CA GLN B 268 -22.78 -19.83 -11.28
C GLN B 268 -24.18 -19.78 -11.87
N GLU B 269 -25.18 -20.11 -11.05
CA GLU B 269 -26.56 -20.15 -11.53
C GLU B 269 -27.23 -18.78 -11.48
N LYS B 270 -26.72 -17.91 -10.61
CA LYS B 270 -27.28 -16.57 -10.47
C LYS B 270 -26.73 -15.64 -11.53
N VAL B 271 -25.57 -16.00 -12.09
CA VAL B 271 -24.96 -15.21 -13.14
C VAL B 271 -25.56 -15.54 -14.51
N ARG B 272 -25.85 -16.82 -14.72
CA ARG B 272 -26.43 -17.27 -15.98
C ARG B 272 -27.82 -16.69 -16.19
N ARG B 273 -28.56 -16.51 -15.10
CA ARG B 273 -29.89 -15.94 -15.17
C ARG B 273 -29.81 -14.45 -15.50
N ILE B 274 -28.90 -13.76 -14.84
CA ILE B 274 -28.71 -12.34 -15.08
C ILE B 274 -28.12 -12.10 -16.48
N ARG B 275 -27.34 -13.07 -16.95
CA ARG B 275 -26.77 -13.01 -18.29
C ARG B 275 -27.86 -13.08 -19.36
N GLU B 276 -28.75 -14.05 -19.22
CA GLU B 276 -29.80 -14.29 -20.21
C GLU B 276 -30.76 -13.10 -20.31
N GLY B 277 -30.90 -12.37 -19.20
CA GLY B 277 -31.79 -11.22 -19.16
C GLY B 277 -31.05 -9.91 -19.37
N SER B 278 -29.78 -10.01 -19.76
CA SER B 278 -28.95 -8.83 -19.97
C SER B 278 -28.62 -8.61 -21.44
N PRO B 279 -28.82 -7.38 -21.93
CA PRO B 279 -28.51 -6.99 -23.31
C PRO B 279 -27.04 -7.19 -23.64
N TYR B 280 -26.17 -7.02 -22.66
CA TYR B 280 -24.73 -7.17 -22.88
C TYR B 280 -24.26 -8.58 -22.58
N GLY B 281 -25.20 -9.51 -22.47
CA GLY B 281 -24.89 -10.88 -22.10
C GLY B 281 -24.42 -11.74 -23.26
N HIS B 282 -24.17 -11.13 -24.42
CA HIS B 282 -23.74 -11.88 -25.59
C HIS B 282 -22.25 -11.67 -25.88
N LEU B 283 -21.67 -10.62 -25.29
CA LEU B 283 -20.26 -10.33 -25.47
C LEU B 283 -19.42 -11.23 -24.56
N PRO B 284 -18.29 -11.73 -25.10
CA PRO B 284 -17.36 -12.54 -24.29
C PRO B 284 -16.67 -11.68 -23.24
N ASN B 285 -16.73 -10.36 -23.45
CA ASN B 285 -16.12 -9.42 -22.53
C ASN B 285 -16.94 -9.24 -21.27
N TRP B 286 -18.19 -9.68 -21.32
CA TRP B 286 -19.12 -9.54 -20.19
C TRP B 286 -18.64 -10.31 -18.96
N ARG B 287 -18.87 -9.73 -17.79
CA ARG B 287 -18.56 -10.40 -16.52
C ARG B 287 -19.33 -9.73 -15.38
N LEU B 288 -19.79 -10.54 -14.43
CA LEU B 288 -20.60 -10.03 -13.33
C LEU B 288 -19.82 -9.91 -12.03
N LEU B 289 -20.02 -8.79 -11.33
CA LEU B 289 -19.38 -8.55 -10.05
C LEU B 289 -20.44 -8.29 -8.98
N SER B 290 -19.99 -8.19 -7.73
CA SER B 290 -20.91 -7.95 -6.61
C SER B 290 -20.21 -7.22 -5.47
N VAL B 291 -20.86 -6.20 -4.93
CA VAL B 291 -20.29 -5.44 -3.83
C VAL B 291 -21.35 -5.00 -2.83
N ILE B 292 -21.00 -5.05 -1.54
CA ILE B 292 -21.90 -4.61 -0.49
C ILE B 292 -21.62 -3.15 -0.14
N VAL B 293 -22.61 -2.30 -0.35
CA VAL B 293 -22.45 -0.87 -0.11
C VAL B 293 -22.86 -0.49 1.31
N LYS B 294 -21.91 0.07 2.06
CA LYS B 294 -22.18 0.54 3.41
C LYS B 294 -21.99 2.05 3.48
N CYS B 295 -23.09 2.78 3.62
CA CYS B 295 -23.05 4.24 3.55
C CYS B 295 -22.92 4.90 4.92
N GLY B 296 -22.77 4.09 5.96
CA GLY B 296 -22.66 4.64 7.30
C GLY B 296 -21.76 3.84 8.23
N ASP B 297 -20.79 3.14 7.65
CA ASP B 297 -19.86 2.34 8.46
C ASP B 297 -18.42 2.66 8.09
N ASP B 298 -17.56 2.69 9.10
CA ASP B 298 -16.15 2.97 8.90
C ASP B 298 -15.37 1.70 8.58
N LEU B 299 -14.99 1.54 7.33
CA LEU B 299 -14.32 0.33 6.88
C LEU B 299 -12.79 0.47 6.92
N ARG B 300 -12.31 1.43 7.70
CA ARG B 300 -10.87 1.67 7.80
C ARG B 300 -10.17 0.54 8.56
N GLN B 301 -10.73 0.15 9.71
CA GLN B 301 -10.19 -0.97 10.46
C GLN B 301 -10.35 -2.26 9.67
N GLU B 302 -11.37 -2.29 8.82
CA GLU B 302 -11.62 -3.44 7.96
C GLU B 302 -10.50 -3.58 6.93
N LEU B 303 -9.98 -2.44 6.47
CA LEU B 303 -8.90 -2.41 5.51
C LEU B 303 -7.60 -2.90 6.14
N LEU B 304 -7.36 -2.45 7.36
CA LEU B 304 -6.18 -2.86 8.13
C LEU B 304 -6.18 -4.35 8.40
N ALA B 305 -7.34 -4.89 8.76
CA ALA B 305 -7.49 -6.31 9.01
C ALA B 305 -7.24 -7.10 7.74
N PHE B 306 -7.64 -6.52 6.61
CA PHE B 306 -7.47 -7.16 5.31
C PHE B 306 -6.00 -7.39 4.99
N GLN B 307 -5.18 -6.35 5.20
CA GLN B 307 -3.76 -6.44 4.92
C GLN B 307 -3.11 -7.51 5.78
N VAL B 308 -3.49 -7.55 7.06
CA VAL B 308 -2.95 -8.53 7.99
C VAL B 308 -3.30 -9.95 7.55
N LEU B 309 -4.48 -10.12 6.98
CA LEU B 309 -4.90 -11.42 6.47
C LEU B 309 -4.07 -11.84 5.27
N LYS B 310 -3.86 -10.91 4.34
CA LYS B 310 -3.07 -11.18 3.15
C LYS B 310 -1.63 -11.49 3.52
N GLN B 311 -1.11 -10.75 4.51
CA GLN B 311 0.26 -10.96 4.97
C GLN B 311 0.39 -12.31 5.66
N LEU B 312 -0.55 -12.61 6.56
CA LEU B 312 -0.59 -13.91 7.22
C LEU B 312 -0.78 -15.02 6.19
N GLN B 313 -1.56 -14.72 5.16
CA GLN B 313 -1.83 -15.68 4.10
C GLN B 313 -0.56 -16.01 3.32
N SER B 314 0.27 -14.99 3.09
CA SER B 314 1.52 -15.17 2.35
C SER B 314 2.54 -15.95 3.18
N ILE B 315 2.65 -15.60 4.45
CA ILE B 315 3.60 -16.24 5.35
C ILE B 315 3.38 -17.74 5.42
N TRP B 316 2.12 -18.13 5.62
CA TRP B 316 1.75 -19.54 5.69
C TRP B 316 1.94 -20.23 4.34
N GLU B 317 1.79 -19.45 3.27
CA GLU B 317 1.95 -19.97 1.93
C GLU B 317 3.43 -20.16 1.59
N GLN B 318 4.27 -19.26 2.11
CA GLN B 318 5.71 -19.31 1.86
C GLN B 318 6.38 -20.33 2.76
N GLU B 319 5.88 -20.48 3.98
CA GLU B 319 6.42 -21.46 4.91
C GLU B 319 5.83 -22.85 4.67
N ARG B 320 4.97 -22.94 3.66
CA ARG B 320 4.34 -24.21 3.30
C ARG B 320 3.51 -24.78 4.43
N VAL B 321 2.69 -23.93 5.05
CA VAL B 321 1.77 -24.37 6.10
C VAL B 321 0.34 -24.34 5.57
N PRO B 322 -0.32 -25.51 5.54
CA PRO B 322 -1.65 -25.67 4.97
C PRO B 322 -2.76 -25.03 5.81
N LEU B 323 -2.70 -23.72 5.97
CA LEU B 323 -3.76 -22.98 6.65
C LEU B 323 -4.59 -22.19 5.64
N TRP B 324 -5.90 -22.22 5.81
CA TRP B 324 -6.81 -21.57 4.87
C TRP B 324 -7.53 -20.38 5.48
N ILE B 325 -7.38 -19.22 4.84
CA ILE B 325 -8.10 -18.01 5.24
C ILE B 325 -8.48 -17.21 4.00
N LYS B 326 -9.66 -16.58 4.04
CA LYS B 326 -10.16 -15.86 2.87
C LYS B 326 -10.43 -14.39 3.17
N PRO B 327 -9.42 -13.54 2.92
CA PRO B 327 -9.58 -12.08 3.07
C PRO B 327 -10.44 -11.48 1.97
N TYR B 328 -11.52 -10.80 2.35
CA TYR B 328 -12.40 -10.15 1.37
C TYR B 328 -11.96 -8.71 1.12
N LYS B 329 -12.00 -8.29 -0.13
CA LYS B 329 -11.55 -6.96 -0.53
C LYS B 329 -12.38 -5.87 0.13
N ILE B 330 -11.70 -4.82 0.60
CA ILE B 330 -12.35 -3.68 1.22
C ILE B 330 -12.07 -2.41 0.43
N LEU B 331 -13.03 -1.48 0.43
CA LEU B 331 -12.86 -0.22 -0.26
C LEU B 331 -13.33 0.95 0.59
N VAL B 332 -12.40 1.83 0.98
CA VAL B 332 -12.71 2.97 1.82
C VAL B 332 -13.03 4.20 0.99
N ILE B 333 -14.28 4.66 1.07
CA ILE B 333 -14.69 5.86 0.35
C ILE B 333 -14.55 7.09 1.25
N SER B 334 -14.74 6.88 2.55
CA SER B 334 -14.57 7.95 3.53
C SER B 334 -14.36 7.36 4.92
N ALA B 335 -14.38 8.22 5.92
CA ALA B 335 -14.19 7.80 7.30
C ALA B 335 -15.49 7.28 7.90
N ASP B 336 -16.53 7.14 7.07
CA ASP B 336 -17.82 6.67 7.55
C ASP B 336 -18.59 5.89 6.48
N SER B 337 -17.93 5.58 5.38
CA SER B 337 -18.56 4.83 4.30
C SER B 337 -17.58 3.88 3.63
N GLY B 338 -18.04 3.20 2.58
CA GLY B 338 -17.20 2.28 1.85
C GLY B 338 -17.98 1.11 1.28
N MET B 339 -17.32 0.29 0.46
CA MET B 339 -17.95 -0.88 -0.14
C MET B 339 -17.20 -2.15 0.25
N ILE B 340 -17.80 -3.30 -0.06
CA ILE B 340 -17.17 -4.58 0.23
C ILE B 340 -17.52 -5.61 -0.83
N GLU B 341 -16.53 -6.41 -1.21
CA GLU B 341 -16.77 -7.50 -2.16
C GLU B 341 -16.94 -8.81 -1.40
N PRO B 342 -18.19 -9.28 -1.28
CA PRO B 342 -18.51 -10.51 -0.56
C PRO B 342 -18.07 -11.75 -1.32
N VAL B 343 -17.51 -12.71 -0.61
CA VAL B 343 -17.07 -13.96 -1.22
C VAL B 343 -18.28 -14.78 -1.68
N VAL B 344 -18.24 -15.25 -2.93
CA VAL B 344 -19.36 -15.97 -3.53
C VAL B 344 -19.63 -17.31 -2.86
N ASN B 345 -20.91 -17.68 -2.82
CA ASN B 345 -21.35 -18.96 -2.26
C ASN B 345 -20.96 -19.14 -0.80
N ALA B 346 -21.34 -18.18 0.04
CA ALA B 346 -21.06 -18.26 1.46
C ALA B 346 -22.14 -17.53 2.27
N VAL B 347 -22.59 -18.17 3.34
CA VAL B 347 -23.63 -17.60 4.20
C VAL B 347 -23.31 -17.86 5.67
N SER B 348 -23.82 -17.00 6.55
CA SER B 348 -23.56 -17.10 7.97
C SER B 348 -24.03 -18.44 8.53
N ILE B 349 -23.33 -18.93 9.55
CA ILE B 349 -23.69 -20.19 10.19
C ILE B 349 -25.07 -20.08 10.83
N HIS B 350 -25.39 -18.89 11.34
CA HIS B 350 -26.69 -18.63 11.94
C HIS B 350 -27.80 -18.75 10.90
N GLN B 351 -27.47 -18.39 9.66
CA GLN B 351 -28.43 -18.46 8.57
C GLN B 351 -28.46 -19.87 7.99
N VAL B 352 -27.50 -20.69 8.39
CA VAL B 352 -27.47 -22.09 7.97
C VAL B 352 -28.24 -22.95 8.96
N LYS B 353 -28.09 -22.65 10.24
CA LYS B 353 -28.83 -23.35 11.29
C LYS B 353 -30.31 -22.99 11.24
N LYS B 354 -30.61 -21.87 10.59
CA LYS B 354 -31.97 -21.35 10.56
C LYS B 354 -32.76 -21.83 9.35
N GLN B 355 -32.12 -21.84 8.18
CA GLN B 355 -32.79 -22.24 6.94
C GLN B 355 -33.01 -23.74 6.87
N SER B 356 -32.12 -24.51 7.50
CA SER B 356 -32.22 -25.96 7.47
C SER B 356 -32.66 -26.53 8.82
N GLN B 357 -32.48 -25.73 9.87
CA GLN B 357 -32.82 -26.16 11.23
C GLN B 357 -32.08 -27.45 11.58
N LEU B 358 -30.77 -27.41 11.49
CA LEU B 358 -29.94 -28.57 11.77
C LEU B 358 -28.69 -28.18 12.57
N SER B 359 -27.84 -29.15 12.83
CA SER B 359 -26.55 -28.89 13.44
C SER B 359 -25.50 -28.74 12.35
N LEU B 360 -24.34 -28.23 12.72
CA LEU B 360 -23.25 -28.03 11.76
C LEU B 360 -22.84 -29.36 11.13
N LEU B 361 -22.65 -30.37 11.96
CA LEU B 361 -22.25 -31.69 11.48
C LEU B 361 -23.32 -32.31 10.59
N ASP B 362 -24.59 -32.02 10.88
CA ASP B 362 -25.69 -32.53 10.08
C ASP B 362 -25.71 -31.92 8.68
N TYR B 363 -25.48 -30.61 8.61
CA TYR B 363 -25.46 -29.92 7.32
C TYR B 363 -24.32 -30.44 6.45
N PHE B 364 -23.21 -30.78 7.10
CA PHE B 364 -22.05 -31.33 6.40
C PHE B 364 -22.37 -32.70 5.79
N LEU B 365 -22.94 -33.58 6.60
CA LEU B 365 -23.27 -34.92 6.17
C LEU B 365 -24.35 -34.91 5.10
N GLN B 366 -25.25 -33.94 5.17
CA GLN B 366 -26.33 -33.83 4.21
C GLN B 366 -25.87 -33.20 2.90
N GLU B 367 -25.03 -32.18 3.01
CA GLU B 367 -24.63 -31.41 1.84
C GLU B 367 -23.36 -31.95 1.19
N HIS B 368 -22.59 -32.76 1.95
CA HIS B 368 -21.34 -33.30 1.43
C HIS B 368 -21.33 -34.82 1.37
N GLY B 369 -21.85 -35.46 2.42
CA GLY B 369 -21.93 -36.91 2.43
C GLY B 369 -21.61 -37.56 3.76
N SER B 370 -21.50 -38.88 3.77
CA SER B 370 -21.20 -39.64 4.98
C SER B 370 -19.73 -39.52 5.37
N TYR B 371 -19.41 -39.99 6.56
CA TYR B 371 -18.03 -39.95 7.05
C TYR B 371 -17.10 -40.77 6.16
N THR B 372 -17.64 -41.79 5.51
CA THR B 372 -16.86 -42.65 4.65
C THR B 372 -16.67 -42.04 3.27
N THR B 373 -17.59 -41.16 2.89
CA THR B 373 -17.52 -40.48 1.59
C THR B 373 -16.27 -39.62 1.49
N GLU B 374 -15.60 -39.70 0.36
CA GLU B 374 -14.38 -38.91 0.14
C GLU B 374 -14.71 -37.42 0.10
N ALA B 375 -15.93 -37.09 -0.30
CA ALA B 375 -16.36 -35.70 -0.38
C ALA B 375 -16.39 -35.05 1.01
N PHE B 376 -16.85 -35.80 2.01
CA PHE B 376 -16.90 -35.30 3.37
C PHE B 376 -15.51 -35.14 3.96
N LEU B 377 -14.62 -36.06 3.58
CA LEU B 377 -13.24 -36.00 4.05
C LEU B 377 -12.57 -34.70 3.59
N SER B 378 -12.74 -34.37 2.32
CA SER B 378 -12.21 -33.14 1.76
C SER B 378 -12.89 -31.93 2.40
N ALA B 379 -14.21 -32.02 2.58
CA ALA B 379 -14.98 -30.96 3.19
C ALA B 379 -14.60 -30.75 4.64
N GLN B 380 -14.23 -31.84 5.32
CA GLN B 380 -13.80 -31.78 6.71
C GLN B 380 -12.40 -31.18 6.81
N ARG B 381 -11.53 -31.58 5.88
CA ARG B 381 -10.17 -31.06 5.83
C ARG B 381 -10.19 -29.55 5.58
N ASN B 382 -11.13 -29.11 4.76
CA ASN B 382 -11.30 -27.68 4.49
C ASN B 382 -11.80 -26.95 5.73
N PHE B 383 -12.57 -27.65 6.55
CA PHE B 383 -13.09 -27.08 7.78
C PHE B 383 -11.97 -26.95 8.81
N VAL B 384 -11.20 -28.01 8.99
CA VAL B 384 -10.12 -28.01 9.96
C VAL B 384 -9.05 -26.96 9.65
N GLN B 385 -8.62 -26.93 8.39
CA GLN B 385 -7.59 -25.97 7.98
C GLN B 385 -8.09 -24.53 8.05
N SER B 386 -9.38 -24.35 7.81
CA SER B 386 -9.98 -23.02 7.87
C SER B 386 -10.15 -22.54 9.32
N CYS B 387 -10.51 -23.47 10.21
CA CYS B 387 -10.64 -23.14 11.62
C CYS B 387 -9.30 -22.73 12.21
N ALA B 388 -8.31 -23.61 12.07
CA ALA B 388 -6.97 -23.37 12.59
C ALA B 388 -6.36 -22.10 11.98
N GLY B 389 -6.67 -21.87 10.71
CA GLY B 389 -6.17 -20.70 10.01
C GLY B 389 -6.73 -19.42 10.58
N TYR B 390 -8.03 -19.43 10.89
CA TYR B 390 -8.69 -18.24 11.40
C TYR B 390 -8.59 -18.14 12.93
N CYS B 391 -8.27 -19.25 13.58
CA CYS B 391 -8.00 -19.22 15.01
C CYS B 391 -6.76 -18.38 15.29
N LEU B 392 -5.72 -18.59 14.49
CA LEU B 392 -4.49 -17.81 14.62
C LEU B 392 -4.76 -16.35 14.27
N VAL B 393 -5.74 -16.13 13.40
CA VAL B 393 -6.09 -14.77 12.99
C VAL B 393 -6.82 -14.04 14.11
N CYS B 394 -7.64 -14.79 14.85
CA CYS B 394 -8.41 -14.22 15.95
C CYS B 394 -7.53 -13.94 17.16
N TYR B 395 -6.49 -14.74 17.34
CA TYR B 395 -5.61 -14.61 18.49
C TYR B 395 -4.62 -13.46 18.30
N LEU B 396 -3.96 -13.44 17.16
CA LEU B 396 -2.95 -12.43 16.88
C LEU B 396 -3.56 -11.02 16.81
N LEU B 397 -4.72 -10.93 16.17
CA LEU B 397 -5.42 -9.66 16.04
C LEU B 397 -6.31 -9.36 17.24
N GLN B 398 -6.61 -10.40 18.01
CA GLN B 398 -7.54 -10.29 19.14
C GLN B 398 -8.93 -9.89 18.66
N VAL B 399 -9.48 -10.68 17.75
CA VAL B 399 -10.81 -10.44 17.21
C VAL B 399 -11.88 -10.85 18.21
N LYS B 400 -12.74 -9.91 18.58
CA LYS B 400 -13.81 -10.18 19.53
C LYS B 400 -15.18 -10.10 18.87
N ASP B 401 -16.23 -10.26 19.67
CA ASP B 401 -17.60 -10.24 19.16
C ASP B 401 -17.79 -11.39 18.17
N ARG B 402 -17.13 -12.51 18.46
CA ARG B 402 -17.17 -13.68 17.58
C ARG B 402 -18.41 -14.53 17.83
N HIS B 403 -19.28 -14.60 16.82
CA HIS B 403 -20.46 -15.45 16.88
C HIS B 403 -20.79 -16.00 15.50
N ASN B 404 -21.75 -16.91 15.43
CA ASN B 404 -22.11 -17.58 14.18
C ASN B 404 -22.79 -16.65 13.18
N GLY B 405 -22.99 -15.39 13.58
CA GLY B 405 -23.53 -14.39 12.69
C GLY B 405 -22.43 -13.71 11.90
N ASN B 406 -21.23 -13.68 12.49
CA ASN B 406 -20.05 -13.10 11.85
C ASN B 406 -19.15 -14.16 11.25
N ILE B 407 -19.53 -15.42 11.42
CA ILE B 407 -18.77 -16.54 10.88
C ILE B 407 -19.53 -17.19 9.73
N LEU B 408 -18.93 -17.19 8.55
CA LEU B 408 -19.59 -17.72 7.36
C LEU B 408 -19.22 -19.18 7.10
N LEU B 409 -19.65 -19.69 5.95
CA LEU B 409 -19.34 -21.05 5.54
C LEU B 409 -19.57 -21.20 4.04
N ASP B 410 -18.53 -21.59 3.31
CA ASP B 410 -18.61 -21.71 1.86
C ASP B 410 -18.97 -23.14 1.43
N ALA B 411 -19.09 -23.34 0.13
CA ALA B 411 -19.48 -24.63 -0.42
C ALA B 411 -18.43 -25.70 -0.17
N GLU B 412 -17.16 -25.31 -0.17
CA GLU B 412 -16.05 -26.23 0.03
C GLU B 412 -16.05 -26.79 1.45
N GLY B 413 -16.44 -25.95 2.41
CA GLY B 413 -16.49 -26.36 3.80
C GLY B 413 -15.62 -25.48 4.69
N HIS B 414 -15.05 -24.43 4.10
CA HIS B 414 -14.22 -23.49 4.84
C HIS B 414 -15.08 -22.57 5.69
N ILE B 415 -14.51 -22.07 6.78
CA ILE B 415 -15.16 -21.04 7.58
C ILE B 415 -14.51 -19.70 7.29
N ILE B 416 -15.29 -18.63 7.35
CA ILE B 416 -14.78 -17.30 7.05
C ILE B 416 -15.29 -16.26 8.05
N HIS B 417 -14.37 -15.67 8.80
CA HIS B 417 -14.73 -14.64 9.76
C HIS B 417 -14.93 -13.29 9.09
N ILE B 418 -15.88 -12.51 9.59
CA ILE B 418 -16.16 -11.17 9.06
C ILE B 418 -16.36 -10.17 10.19
N ASP B 419 -16.52 -8.89 9.82
CA ASP B 419 -16.73 -7.83 10.79
C ASP B 419 -15.57 -7.76 11.79
N PHE B 420 -14.44 -7.22 11.34
CA PHE B 420 -13.26 -7.14 12.18
C PHE B 420 -13.23 -5.88 13.02
N GLY B 421 -14.35 -5.59 13.65
CA GLY B 421 -14.43 -4.53 14.65
C GLY B 421 -14.13 -5.15 16.00
N PHE B 422 -13.79 -4.32 16.98
CA PHE B 422 -13.47 -4.81 18.31
C PHE B 422 -12.22 -5.70 18.28
N ILE B 423 -11.21 -5.27 17.53
CA ILE B 423 -9.94 -5.99 17.47
C ILE B 423 -8.88 -5.21 18.25
N LEU B 424 -7.91 -5.95 18.80
CA LEU B 424 -6.82 -5.34 19.57
C LEU B 424 -7.35 -4.64 20.82
N SER B 425 -7.17 -3.33 20.89
CA SER B 425 -7.56 -2.56 22.06
C SER B 425 -9.08 -2.38 22.18
N SER B 426 -9.73 -2.13 21.05
CA SER B 426 -11.16 -1.82 21.05
C SER B 426 -12.02 -2.98 21.54
N SER B 427 -13.05 -2.64 22.33
CA SER B 427 -14.00 -3.62 22.86
C SER B 427 -15.09 -2.92 23.66
N PRO B 428 -16.33 -3.45 23.58
CA PRO B 428 -17.48 -2.88 24.30
C PRO B 428 -17.42 -3.12 25.80
N LYS B 439 -12.99 -18.78 21.01
CA LYS B 439 -14.01 -19.67 21.55
C LYS B 439 -14.31 -20.83 20.61
N LEU B 440 -14.03 -22.04 21.06
CA LEU B 440 -14.32 -23.25 20.28
C LEU B 440 -15.58 -23.93 20.79
N THR B 441 -16.71 -23.64 20.15
CA THR B 441 -17.98 -24.23 20.53
C THR B 441 -18.01 -25.73 20.24
N THR B 442 -18.91 -26.44 20.91
CA THR B 442 -19.05 -27.88 20.72
C THR B 442 -19.53 -28.19 19.30
N GLU B 443 -20.28 -27.27 18.72
CA GLU B 443 -20.81 -27.44 17.38
C GLU B 443 -19.68 -27.60 16.35
N PHE B 444 -18.56 -26.93 16.61
CA PHE B 444 -17.41 -27.00 15.71
C PHE B 444 -16.55 -28.23 15.97
N VAL B 445 -16.38 -28.56 17.25
CA VAL B 445 -15.56 -29.70 17.65
C VAL B 445 -16.10 -31.01 17.08
N ASP B 446 -17.43 -31.08 16.95
CA ASP B 446 -18.07 -32.28 16.43
C ASP B 446 -17.69 -32.53 14.97
N VAL B 447 -17.61 -31.45 14.20
CA VAL B 447 -17.31 -31.56 12.78
C VAL B 447 -15.90 -32.09 12.54
N MET B 448 -15.06 -31.98 13.56
CA MET B 448 -13.68 -32.46 13.46
C MET B 448 -13.52 -33.86 14.06
N GLY B 449 -14.63 -34.43 14.52
CA GLY B 449 -14.62 -35.77 15.06
C GLY B 449 -14.22 -35.85 16.52
N GLY B 450 -14.76 -34.97 17.34
CA GLY B 450 -14.50 -34.99 18.77
C GLY B 450 -13.15 -34.43 19.15
N LEU B 451 -12.91 -34.32 20.46
CA LEU B 451 -11.67 -33.74 20.97
C LEU B 451 -10.48 -34.67 20.75
N ASP B 452 -10.75 -35.97 20.67
CA ASP B 452 -9.69 -36.96 20.48
C ASP B 452 -9.67 -37.50 19.06
N GLY B 453 -10.42 -36.86 18.17
CA GLY B 453 -10.42 -37.23 16.77
C GLY B 453 -9.07 -36.94 16.15
N ASP B 454 -8.65 -37.76 15.19
CA ASP B 454 -7.36 -37.58 14.54
C ASP B 454 -7.32 -36.28 13.74
N MET B 455 -8.48 -35.70 13.48
CA MET B 455 -8.55 -34.45 12.73
C MET B 455 -8.45 -33.24 13.65
N PHE B 456 -8.84 -33.41 14.91
CA PHE B 456 -8.72 -32.33 15.88
C PHE B 456 -7.28 -32.12 16.28
N ASN B 457 -6.54 -33.22 16.42
CA ASN B 457 -5.10 -33.15 16.70
C ASN B 457 -4.36 -32.52 15.53
N TYR B 458 -4.86 -32.77 14.32
CA TYR B 458 -4.31 -32.14 13.12
C TYR B 458 -4.62 -30.65 13.13
N TYR B 459 -5.75 -30.29 13.74
CA TYR B 459 -6.14 -28.89 13.88
C TYR B 459 -5.22 -28.15 14.84
N LYS B 460 -4.86 -28.82 15.94
CA LYS B 460 -3.96 -28.23 16.92
C LYS B 460 -2.54 -28.15 16.38
N MET B 461 -2.20 -29.06 15.47
CA MET B 461 -0.88 -29.07 14.86
C MET B 461 -0.71 -27.94 13.86
N LEU B 462 -1.78 -27.63 13.13
CA LEU B 462 -1.75 -26.56 12.15
C LEU B 462 -1.54 -25.20 12.82
N MET B 463 -2.11 -25.05 14.01
CA MET B 463 -1.96 -23.82 14.78
C MET B 463 -0.53 -23.67 15.28
N LEU B 464 0.11 -24.79 15.59
CA LEU B 464 1.48 -24.78 16.08
C LEU B 464 2.45 -24.34 14.99
N GLN B 465 2.56 -25.14 13.93
CA GLN B 465 3.44 -24.84 12.82
C GLN B 465 2.96 -23.59 12.07
N GLY B 466 1.73 -23.17 12.34
CA GLY B 466 1.21 -21.94 11.79
C GLY B 466 1.68 -20.75 12.60
N LEU B 467 1.72 -20.92 13.91
CA LEU B 467 2.21 -19.88 14.82
C LEU B 467 3.72 -19.78 14.73
N ILE B 468 4.37 -20.91 14.47
CA ILE B 468 5.82 -20.95 14.31
C ILE B 468 6.25 -20.16 13.08
N ALA B 469 5.58 -20.42 11.96
CA ALA B 469 5.85 -19.68 10.74
C ALA B 469 5.42 -18.22 10.91
N ALA B 470 4.50 -17.99 11.84
CA ALA B 470 4.00 -16.65 12.12
C ALA B 470 5.07 -15.81 12.83
N ARG B 471 5.98 -16.48 13.54
CA ARG B 471 7.07 -15.79 14.21
C ARG B 471 8.22 -15.53 13.25
N LYS B 472 8.35 -16.38 12.25
CA LYS B 472 9.43 -16.27 11.27
C LYS B 472 9.23 -15.08 10.34
N HIS B 473 8.06 -14.44 10.42
CA HIS B 473 7.77 -13.27 9.59
C HIS B 473 6.97 -12.22 10.35
N MET B 474 7.08 -12.22 11.68
CA MET B 474 6.29 -11.31 12.51
C MET B 474 6.63 -9.86 12.21
N ASP B 475 7.80 -9.64 11.66
CA ASP B 475 8.27 -8.29 11.33
C ASP B 475 7.37 -7.65 10.29
N LYS B 476 7.11 -8.37 9.21
CA LYS B 476 6.33 -7.85 8.08
C LYS B 476 4.88 -7.58 8.47
N VAL B 477 4.37 -8.34 9.44
CA VAL B 477 2.98 -8.21 9.87
C VAL B 477 2.77 -7.03 10.80
N VAL B 478 3.61 -6.93 11.83
CA VAL B 478 3.50 -5.85 12.81
C VAL B 478 3.71 -4.48 12.16
N GLN B 479 4.46 -4.47 11.06
CA GLN B 479 4.71 -3.23 10.32
C GLN B 479 3.42 -2.63 9.79
N ILE B 480 2.52 -3.49 9.34
CA ILE B 480 1.24 -3.06 8.77
C ILE B 480 0.42 -2.27 9.78
N VAL B 481 0.29 -2.80 10.99
CA VAL B 481 -0.53 -2.20 12.03
C VAL B 481 0.17 -1.01 12.69
N GLU B 482 1.48 -1.13 12.90
CA GLU B 482 2.24 -0.11 13.61
C GLU B 482 2.20 1.24 12.87
N ILE B 483 2.29 1.19 11.55
CA ILE B 483 2.30 2.40 10.74
C ILE B 483 0.92 3.06 10.70
N MET B 484 -0.13 2.25 10.69
CA MET B 484 -1.49 2.76 10.57
C MET B 484 -1.95 3.46 11.84
N GLN B 485 -1.33 3.13 12.97
CA GLN B 485 -1.68 3.75 14.24
C GLN B 485 -1.28 5.22 14.26
N GLN B 486 -0.47 5.62 13.28
CA GLN B 486 0.07 6.96 13.22
C GLN B 486 -1.01 8.01 12.96
N GLY B 487 -1.51 8.61 14.05
CA GLY B 487 -2.46 9.71 13.94
C GLY B 487 -3.91 9.30 13.82
N SER B 488 -4.16 7.99 13.71
CA SER B 488 -5.52 7.49 13.59
C SER B 488 -6.26 7.51 14.92
N GLN B 489 -7.51 7.97 14.90
CA GLN B 489 -8.33 8.03 16.10
C GLN B 489 -9.16 6.77 16.24
N LEU B 490 -8.72 5.70 15.58
CA LEU B 490 -9.45 4.43 15.58
C LEU B 490 -9.48 3.80 16.97
N PRO B 491 -10.62 3.17 17.31
CA PRO B 491 -10.84 2.52 18.60
C PRO B 491 -9.85 1.38 18.87
N CYS B 492 -9.29 0.81 17.82
CA CYS B 492 -8.34 -0.29 17.95
C CYS B 492 -6.97 0.21 18.41
N PHE B 493 -6.84 1.52 18.54
CA PHE B 493 -5.60 2.14 18.99
C PHE B 493 -5.82 2.96 20.25
N HIS B 494 -6.75 2.49 21.09
CA HIS B 494 -7.11 3.19 22.31
C HIS B 494 -5.95 3.22 23.30
N GLY B 495 -5.40 2.05 23.61
CA GLY B 495 -4.29 1.94 24.53
C GLY B 495 -3.02 2.54 23.97
N SER B 496 -2.20 3.10 24.85
CA SER B 496 -0.94 3.71 24.44
C SER B 496 0.04 2.67 23.91
N SER B 497 0.01 1.48 24.50
CA SER B 497 0.89 0.40 24.10
C SER B 497 0.10 -0.76 23.50
N THR B 498 -0.40 -0.55 22.28
CA THR B 498 -1.17 -1.58 21.59
C THR B 498 -0.24 -2.48 20.77
N ILE B 499 0.87 -1.90 20.30
CA ILE B 499 1.82 -2.63 19.48
C ILE B 499 2.62 -3.63 20.30
N ARG B 500 2.86 -3.32 21.56
CA ARG B 500 3.63 -4.19 22.43
C ARG B 500 2.92 -5.52 22.65
N ASN B 501 1.62 -5.44 22.95
CA ASN B 501 0.81 -6.64 23.14
C ASN B 501 0.73 -7.47 21.86
N LEU B 502 0.77 -6.79 20.72
CA LEU B 502 0.76 -7.44 19.43
C LEU B 502 2.00 -8.30 19.22
N LYS B 503 3.15 -7.75 19.56
CA LYS B 503 4.43 -8.46 19.42
C LYS B 503 4.56 -9.59 20.43
N GLU B 504 4.14 -9.33 21.67
CA GLU B 504 4.24 -10.31 22.74
C GLU B 504 3.34 -11.52 22.48
N ARG B 505 2.29 -11.33 21.70
CA ARG B 505 1.39 -12.43 21.35
C ARG B 505 2.06 -13.40 20.36
N PHE B 506 3.19 -12.97 19.80
CA PHE B 506 3.99 -13.84 18.95
C PHE B 506 4.87 -14.75 19.79
N HIS B 507 5.33 -14.24 20.93
CA HIS B 507 6.17 -14.99 21.85
C HIS B 507 7.46 -15.45 21.19
N MET B 508 8.28 -14.50 20.77
CA MET B 508 9.57 -14.80 20.16
C MET B 508 10.52 -15.41 21.18
N SER B 509 10.31 -15.08 22.45
CA SER B 509 11.16 -15.56 23.53
C SER B 509 10.93 -17.04 23.82
N MET B 510 9.69 -17.49 23.63
CA MET B 510 9.33 -18.88 23.89
C MET B 510 10.02 -19.84 22.94
N THR B 511 10.11 -21.11 23.34
CA THR B 511 10.65 -22.16 22.49
C THR B 511 9.52 -23.02 21.93
N GLU B 512 9.84 -23.84 20.94
CA GLU B 512 8.85 -24.71 20.32
C GLU B 512 8.27 -25.70 21.32
N GLU B 513 9.10 -26.13 22.27
CA GLU B 513 8.64 -27.02 23.33
C GLU B 513 7.63 -26.30 24.22
N GLN B 514 7.82 -24.98 24.36
CA GLN B 514 6.93 -24.18 25.18
C GLN B 514 5.77 -23.62 24.36
N LEU B 515 5.92 -23.66 23.04
CA LEU B 515 4.86 -23.21 22.15
C LEU B 515 3.69 -24.19 22.13
N GLN B 516 4.01 -25.48 22.20
CA GLN B 516 2.97 -26.50 22.23
C GLN B 516 2.13 -26.37 23.48
N LEU B 517 2.77 -26.04 24.60
CA LEU B 517 2.07 -25.79 25.85
C LEU B 517 1.18 -24.56 25.71
N LEU B 518 1.66 -23.57 24.96
CA LEU B 518 0.89 -22.37 24.70
C LEU B 518 -0.31 -22.69 23.81
N VAL B 519 -0.07 -23.51 22.80
CA VAL B 519 -1.12 -23.92 21.87
C VAL B 519 -2.17 -24.77 22.58
N GLU B 520 -1.71 -25.67 23.44
CA GLU B 520 -2.61 -26.55 24.17
C GLU B 520 -3.45 -25.77 25.19
N GLN B 521 -2.80 -24.91 25.96
CA GLN B 521 -3.47 -24.11 26.96
C GLN B 521 -4.36 -23.04 26.33
N MET B 522 -4.11 -22.76 25.06
CA MET B 522 -4.89 -21.77 24.32
C MET B 522 -6.19 -22.38 23.82
N VAL B 523 -6.13 -23.65 23.41
CA VAL B 523 -7.30 -24.35 22.92
C VAL B 523 -8.27 -24.67 24.04
N ASP B 524 -7.72 -24.99 25.22
CA ASP B 524 -8.54 -25.31 26.39
C ASP B 524 -9.35 -24.12 26.85
N GLY B 525 -8.70 -22.96 26.95
CA GLY B 525 -9.35 -21.74 27.37
C GLY B 525 -10.33 -21.22 26.33
N SER B 526 -10.23 -21.78 25.13
CA SER B 526 -11.14 -21.41 24.05
C SER B 526 -12.43 -22.22 24.11
N MET B 527 -12.87 -22.54 25.32
CA MET B 527 -14.07 -23.32 25.52
C MET B 527 -14.79 -22.91 26.82
#